data_1FA2
#
_entry.id   1FA2
#
_cell.length_a   129.630
_cell.length_b   129.630
_cell.length_c   68.420
_cell.angle_alpha   90.00
_cell.angle_beta   90.00
_cell.angle_gamma   90.00
#
_symmetry.space_group_name_H-M   'P 42 21 2'
#
loop_
_entity.id
_entity.type
_entity.pdbx_description
1 polymer BETA-AMYLASE
2 branched alpha-D-glucopyranose-(1-4)-2-deoxy-beta-D-arabino-hexopyranose
3 non-polymer 2,3-DIHYDROXY-1,4-DITHIOBUTANE
4 water water
#
_entity_poly.entity_id   1
_entity_poly.type   'polypeptide(L)'
_entity_poly.pdbx_seq_one_letter_code
;APIPGVMPIGNYVSLYVMLPLGVVNADNVFPDKEKVEDELKQVKAGGCDGVMVDVWWGIIEAKGPKQYDWSAYRELFQLV
KKCGLKIQAIMSFHQCGGNVGDAVFIPIPQWILQIGDKNPDIFYTNRAGNRNQEYLSLGVDNQRLFQGRTALEMYRDFME
SFRDNMADFLKAGDIVDIEVGCGAAGELRYPSYPETQGWVFPGIGEFQCYDKYMVADWKEAVKQAGNADWEMPGKGAGTY
NDTPDKTEFFRPNGTYKTDMGKFFLTWYSNKLIIHGDQVLEEANKVFVGLRVNIAAKVSGIHWWYNHVSHAAELTAGFYN
VAGRDGYRPIARMLARHHATLNFTCLEMRDSEQPAEAKSAPQELVQQVLSSGWKEYIDVAGENALPRYDATAYNQMLLKL
RPNGVNLNGPPKLKMSGLTYLRLSDDLLQTDNFELFKKFVKKMHADLDPSPNAISPAVLERSNSAITIDELMEATKGSRP
FPWYDVTDMPVDGSNPFD
;
_entity_poly.pdbx_strand_id   A
#
# COMPACT_ATOMS: atom_id res chain seq x y z
N ALA A 1 -10.09 -35.28 16.28
CA ALA A 1 -10.39 -34.08 17.11
C ALA A 1 -9.11 -33.58 17.79
N PRO A 2 -8.87 -32.25 17.74
CA PRO A 2 -7.69 -31.64 18.35
C PRO A 2 -7.57 -31.84 19.86
N ILE A 3 -6.36 -31.69 20.37
CA ILE A 3 -6.11 -31.81 21.80
C ILE A 3 -6.44 -30.47 22.43
N PRO A 4 -7.28 -30.45 23.46
CA PRO A 4 -7.62 -29.18 24.10
C PRO A 4 -6.38 -28.40 24.57
N GLY A 5 -6.42 -27.07 24.41
CA GLY A 5 -5.30 -26.22 24.82
C GLY A 5 -4.16 -26.13 23.83
N VAL A 6 -4.20 -26.95 22.78
CA VAL A 6 -3.15 -26.94 21.76
C VAL A 6 -3.53 -26.03 20.59
N MET A 7 -2.83 -24.91 20.49
CA MET A 7 -3.05 -23.95 19.42
C MET A 7 -1.98 -24.09 18.35
N PRO A 8 -2.33 -24.62 17.15
CA PRO A 8 -1.31 -24.75 16.13
C PRO A 8 -0.68 -23.42 15.65
N ILE A 9 0.62 -23.46 15.36
CA ILE A 9 1.41 -22.30 14.93
C ILE A 9 0.84 -21.59 13.70
N GLY A 10 0.20 -22.36 12.82
CA GLY A 10 -0.35 -21.78 11.61
C GLY A 10 -1.30 -20.61 11.80
N ASN A 11 -1.75 -20.41 13.03
CA ASN A 11 -2.68 -19.32 13.35
C ASN A 11 -1.97 -18.03 13.70
N TYR A 12 -0.67 -18.15 13.91
CA TYR A 12 0.20 -17.01 14.25
C TYR A 12 0.24 -16.01 13.07
N VAL A 13 0.19 -14.72 13.38
CA VAL A 13 0.24 -13.68 12.38
C VAL A 13 1.25 -12.64 12.86
N SER A 14 2.25 -12.34 12.04
CA SER A 14 3.27 -11.38 12.42
C SER A 14 2.72 -9.97 12.61
N LEU A 15 3.30 -9.26 13.58
CA LEU A 15 2.89 -7.90 13.90
C LEU A 15 4.14 -7.01 13.96
N TYR A 16 4.16 -5.99 13.10
CA TYR A 16 5.28 -5.06 13.05
C TYR A 16 4.80 -3.68 13.42
N VAL A 17 5.72 -2.83 13.84
CA VAL A 17 5.39 -1.45 14.21
C VAL A 17 6.16 -0.47 13.33
N MET A 18 5.48 0.58 12.85
CA MET A 18 6.15 1.56 12.02
C MET A 18 6.95 2.50 12.92
N LEU A 19 8.16 2.83 12.50
CA LEU A 19 9.01 3.72 13.26
C LEU A 19 8.62 5.17 13.01
N PRO A 20 9.01 6.10 13.92
CA PRO A 20 8.67 7.54 13.78
C PRO A 20 9.10 8.04 12.40
N LEU A 21 8.33 8.96 11.83
CA LEU A 21 8.60 9.46 10.47
C LEU A 21 9.99 9.88 10.06
N GLY A 22 10.66 10.71 10.86
CA GLY A 22 11.99 11.12 10.46
C GLY A 22 13.13 10.47 11.23
N VAL A 23 12.91 9.23 11.68
CA VAL A 23 13.92 8.51 12.46
C VAL A 23 15.31 8.68 11.83
N VAL A 24 15.33 9.15 10.60
CA VAL A 24 16.58 9.46 9.90
C VAL A 24 16.28 10.81 9.24
N ASN A 25 16.93 11.85 9.76
CA ASN A 25 16.76 13.23 9.27
C ASN A 25 16.87 13.42 7.77
N ALA A 26 16.24 14.50 7.29
CA ALA A 26 16.27 14.87 5.88
C ALA A 26 17.75 14.99 5.53
N ASP A 27 18.55 15.34 6.53
CA ASP A 27 20.00 15.41 6.38
C ASP A 27 20.26 13.97 6.78
N ASN A 28 21.01 13.23 5.98
CA ASN A 28 21.29 11.82 6.27
C ASN A 28 21.85 11.57 7.68
N VAL A 29 21.16 12.05 8.71
CA VAL A 29 21.62 11.89 10.08
C VAL A 29 20.67 11.07 10.96
N PHE A 30 21.25 10.24 11.82
CA PHE A 30 20.49 9.39 12.74
C PHE A 30 20.74 9.88 14.18
N PRO A 31 19.98 10.90 14.64
CA PRO A 31 20.12 11.47 15.97
C PRO A 31 19.34 10.72 17.06
N ASP A 32 19.57 11.12 18.31
CA ASP A 32 18.90 10.51 19.46
C ASP A 32 19.02 9.00 19.45
N LYS A 33 20.18 8.49 19.05
CA LYS A 33 20.39 7.06 19.02
C LYS A 33 19.94 6.43 20.34
N GLU A 34 20.46 6.95 21.46
CA GLU A 34 20.12 6.44 22.78
C GLU A 34 18.62 6.32 23.02
N LYS A 35 17.89 7.42 22.87
CA LYS A 35 16.44 7.38 23.08
C LYS A 35 15.78 6.27 22.27
N VAL A 36 15.89 6.37 20.95
CA VAL A 36 15.33 5.40 20.02
C VAL A 36 15.58 3.96 20.42
N GLU A 37 16.81 3.64 20.80
CA GLU A 37 17.10 2.26 21.18
C GLU A 37 16.45 1.86 22.49
N ASP A 38 15.76 2.80 23.12
CA ASP A 38 15.06 2.53 24.38
C ASP A 38 13.60 2.23 24.04
N GLU A 39 13.12 2.84 22.96
CA GLU A 39 11.75 2.61 22.51
C GLU A 39 11.74 1.23 21.86
N LEU A 40 12.75 0.97 21.03
CA LEU A 40 12.87 -0.32 20.36
C LEU A 40 12.88 -1.42 21.39
N LYS A 41 13.56 -1.19 22.51
CA LYS A 41 13.63 -2.21 23.54
C LYS A 41 12.24 -2.44 24.13
N GLN A 42 11.47 -1.39 24.33
CA GLN A 42 10.13 -1.55 24.84
C GLN A 42 9.28 -2.31 23.82
N VAL A 43 9.34 -1.86 22.56
CA VAL A 43 8.61 -2.48 21.47
C VAL A 43 8.86 -3.99 21.44
N LYS A 44 10.13 -4.37 21.58
CA LYS A 44 10.51 -5.79 21.57
C LYS A 44 9.98 -6.49 22.83
N ALA A 45 9.90 -5.73 23.92
CA ALA A 45 9.43 -6.24 25.20
C ALA A 45 7.92 -6.48 25.13
N GLY A 46 7.29 -5.89 24.12
CA GLY A 46 5.87 -6.05 23.93
C GLY A 46 5.55 -7.26 23.07
N GLY A 47 6.59 -7.94 22.60
CA GLY A 47 6.41 -9.12 21.78
C GLY A 47 6.28 -8.81 20.30
N CYS A 48 6.49 -7.56 19.91
CA CYS A 48 6.40 -7.21 18.51
C CYS A 48 7.38 -8.04 17.71
N ASP A 49 7.06 -8.29 16.44
CA ASP A 49 7.96 -9.08 15.61
C ASP A 49 9.03 -8.26 14.91
N GLY A 50 8.68 -7.03 14.56
CA GLY A 50 9.64 -6.18 13.89
C GLY A 50 9.09 -4.80 13.66
N VAL A 51 9.75 -4.05 12.78
CA VAL A 51 9.32 -2.71 12.46
C VAL A 51 9.42 -2.45 10.97
N MET A 52 8.70 -1.43 10.52
CA MET A 52 8.70 -1.04 9.11
C MET A 52 9.24 0.37 9.02
N VAL A 53 10.23 0.60 8.16
CA VAL A 53 10.80 1.91 8.00
C VAL A 53 10.89 2.36 6.54
N ASP A 54 10.69 3.65 6.31
CA ASP A 54 10.75 4.24 4.98
C ASP A 54 12.20 4.51 4.55
N VAL A 55 12.63 3.87 3.47
CA VAL A 55 13.96 4.13 2.96
C VAL A 55 13.75 5.22 1.90
N TRP A 56 13.68 6.47 2.34
CA TRP A 56 13.42 7.61 1.46
C TRP A 56 14.39 7.83 0.31
N TRP A 57 13.83 7.92 -0.90
CA TRP A 57 14.61 8.13 -2.11
C TRP A 57 15.27 9.49 -2.09
N GLY A 58 14.55 10.49 -1.57
CA GLY A 58 15.05 11.85 -1.50
C GLY A 58 16.17 12.09 -0.50
N ILE A 59 16.55 11.04 0.23
CA ILE A 59 17.63 11.15 1.20
C ILE A 59 18.85 10.37 0.73
N ILE A 60 18.62 9.16 0.25
CA ILE A 60 19.71 8.30 -0.19
C ILE A 60 20.42 8.75 -1.45
N GLU A 61 19.66 9.30 -2.38
CA GLU A 61 20.22 9.76 -3.64
C GLU A 61 20.10 11.27 -3.76
N ALA A 62 20.22 11.94 -2.60
CA ALA A 62 20.11 13.38 -2.52
C ALA A 62 21.19 14.14 -3.27
N LYS A 63 22.45 13.82 -2.97
CA LYS A 63 23.57 14.52 -3.59
C LYS A 63 23.60 14.49 -5.11
N GLY A 64 23.16 13.38 -5.70
CA GLY A 64 23.15 13.29 -7.16
C GLY A 64 22.89 11.92 -7.71
N PRO A 65 22.55 11.82 -9.01
CA PRO A 65 22.28 10.52 -9.64
C PRO A 65 23.35 9.46 -9.39
N LYS A 66 22.89 8.27 -9.04
CA LYS A 66 23.77 7.12 -8.79
C LYS A 66 24.65 7.21 -7.55
N GLN A 67 24.73 8.39 -6.92
CA GLN A 67 25.55 8.49 -5.71
C GLN A 67 24.69 8.34 -4.47
N TYR A 68 24.64 7.13 -3.96
CA TYR A 68 23.85 6.80 -2.79
C TYR A 68 24.67 6.73 -1.51
N ASP A 69 24.04 7.10 -0.39
CA ASP A 69 24.69 7.08 0.90
C ASP A 69 23.80 6.28 1.84
N TRP A 70 24.22 5.06 2.19
CA TRP A 70 23.42 4.21 3.08
C TRP A 70 23.89 4.25 4.53
N SER A 71 24.92 5.07 4.80
CA SER A 71 25.50 5.21 6.14
C SER A 71 24.49 5.19 7.29
N ALA A 72 23.61 6.19 7.34
CA ALA A 72 22.63 6.29 8.41
C ALA A 72 21.71 5.07 8.50
N TYR A 73 21.00 4.78 7.41
CA TYR A 73 20.10 3.63 7.41
C TYR A 73 20.82 2.36 7.86
N ARG A 74 22.13 2.33 7.67
CA ARG A 74 22.97 1.20 8.08
C ARG A 74 23.04 1.13 9.61
N GLU A 75 23.22 2.27 10.25
CA GLU A 75 23.27 2.36 11.70
C GLU A 75 21.90 2.00 12.25
N LEU A 76 20.86 2.54 11.60
CA LEU A 76 19.49 2.30 12.01
C LEU A 76 19.12 0.81 12.00
N PHE A 77 19.54 0.10 10.95
CA PHE A 77 19.25 -1.33 10.84
C PHE A 77 20.07 -2.17 11.82
N GLN A 78 21.32 -1.79 12.04
CA GLN A 78 22.17 -2.51 12.97
C GLN A 78 21.58 -2.35 14.36
N LEU A 79 21.08 -1.15 14.66
CA LEU A 79 20.49 -0.90 15.96
C LEU A 79 19.28 -1.83 16.12
N VAL A 80 18.42 -1.85 15.10
CA VAL A 80 17.21 -2.68 15.11
C VAL A 80 17.57 -4.14 15.23
N LYS A 81 18.58 -4.57 14.47
CA LYS A 81 18.98 -5.96 14.52
C LYS A 81 19.48 -6.32 15.92
N LYS A 82 20.11 -5.35 16.59
CA LYS A 82 20.64 -5.55 17.94
C LYS A 82 19.53 -5.75 18.95
N CYS A 83 18.38 -5.14 18.70
CA CYS A 83 17.24 -5.29 19.60
C CYS A 83 16.41 -6.53 19.25
N GLY A 84 16.90 -7.31 18.29
CA GLY A 84 16.22 -8.53 17.90
C GLY A 84 14.88 -8.37 17.18
N LEU A 85 14.80 -7.43 16.24
CA LEU A 85 13.58 -7.21 15.49
C LEU A 85 13.84 -7.42 14.01
N LYS A 86 12.82 -7.89 13.28
CA LYS A 86 12.93 -8.11 11.84
C LYS A 86 12.69 -6.77 11.17
N ILE A 87 13.02 -6.66 9.89
CA ILE A 87 12.86 -5.39 9.19
C ILE A 87 12.03 -5.40 7.90
N GLN A 88 11.05 -4.49 7.84
CA GLN A 88 10.21 -4.29 6.66
C GLN A 88 10.65 -2.97 6.05
N ALA A 89 11.33 -3.02 4.91
CA ALA A 89 11.78 -1.80 4.26
C ALA A 89 10.86 -1.39 3.12
N ILE A 90 10.52 -0.10 3.09
CA ILE A 90 9.67 0.44 2.05
C ILE A 90 10.59 1.18 1.09
N MET A 91 10.52 0.86 -0.20
CA MET A 91 11.32 1.56 -1.18
C MET A 91 10.47 2.78 -1.49
N SER A 92 10.70 3.87 -0.76
CA SER A 92 9.91 5.09 -0.92
C SER A 92 10.36 6.06 -2.00
N PHE A 93 9.79 5.90 -3.20
CA PHE A 93 10.10 6.76 -4.33
C PHE A 93 9.14 7.93 -4.30
N HIS A 94 8.72 8.31 -3.11
CA HIS A 94 7.78 9.43 -2.98
C HIS A 94 8.22 10.46 -1.93
N GLN A 95 7.42 11.50 -1.81
CA GLN A 95 7.67 12.61 -0.89
C GLN A 95 6.86 12.39 0.38
N CYS A 96 7.44 12.79 1.52
CA CYS A 96 6.73 12.65 2.79
C CYS A 96 6.26 14.04 3.22
N GLY A 97 5.06 14.40 2.77
CA GLY A 97 4.45 15.69 3.07
C GLY A 97 5.24 16.71 3.86
N GLY A 98 5.49 17.87 3.25
CA GLY A 98 6.22 18.94 3.90
C GLY A 98 5.27 20.12 4.04
N ASN A 99 4.13 19.86 4.65
CA ASN A 99 3.11 20.87 4.83
C ASN A 99 3.32 21.70 6.09
N VAL A 100 2.50 22.75 6.22
CA VAL A 100 2.53 23.67 7.35
C VAL A 100 2.69 22.95 8.69
N GLY A 101 1.92 21.87 8.85
CA GLY A 101 1.95 21.07 10.06
C GLY A 101 3.32 20.65 10.57
N ASP A 102 4.38 21.22 9.99
CA ASP A 102 5.74 20.92 10.40
C ASP A 102 6.31 19.51 10.22
N ALA A 103 5.49 18.48 10.43
CA ALA A 103 5.98 17.11 10.28
C ALA A 103 7.10 17.01 9.25
N VAL A 104 8.28 16.55 9.69
CA VAL A 104 9.42 16.44 8.79
C VAL A 104 9.11 16.51 7.31
N PHE A 105 9.92 17.27 6.56
CA PHE A 105 9.72 17.40 5.12
C PHE A 105 10.82 16.68 4.34
N ILE A 106 10.42 15.66 3.59
CA ILE A 106 11.37 14.89 2.78
C ILE A 106 10.86 14.76 1.34
N PRO A 107 11.38 15.60 0.43
CA PRO A 107 10.96 15.55 -0.98
C PRO A 107 11.73 14.44 -1.67
N ILE A 108 11.57 14.34 -2.99
CA ILE A 108 12.30 13.34 -3.75
C ILE A 108 13.60 14.03 -4.15
N PRO A 109 14.59 13.28 -4.66
CA PRO A 109 15.86 13.91 -5.04
C PRO A 109 15.67 15.28 -5.69
N GLN A 110 16.18 16.31 -5.03
CA GLN A 110 16.05 17.68 -5.51
C GLN A 110 16.48 17.92 -6.96
N TRP A 111 17.43 17.14 -7.44
CA TRP A 111 17.88 17.31 -8.81
C TRP A 111 16.78 16.89 -9.79
N ILE A 112 15.88 16.02 -9.34
CA ILE A 112 14.75 15.58 -10.16
C ILE A 112 13.72 16.71 -10.18
N LEU A 113 13.52 17.35 -9.04
CA LEU A 113 12.57 18.45 -8.95
C LEU A 113 13.04 19.60 -9.83
N GLN A 114 14.35 19.67 -10.06
CA GLN A 114 14.86 20.74 -10.91
C GLN A 114 14.63 20.40 -12.39
N ILE A 115 14.52 19.11 -12.70
CA ILE A 115 14.26 18.75 -14.09
C ILE A 115 12.78 19.01 -14.38
N GLY A 116 11.91 18.56 -13.50
CA GLY A 116 10.49 18.78 -13.71
C GLY A 116 10.20 20.26 -13.70
N ASP A 117 11.18 21.02 -13.22
CA ASP A 117 11.07 22.45 -13.12
C ASP A 117 10.83 23.06 -14.49
N LYS A 118 11.51 22.49 -15.49
CA LYS A 118 11.33 22.98 -16.84
C LYS A 118 10.46 22.00 -17.63
N ASN A 119 10.09 20.91 -16.97
CA ASN A 119 9.25 19.89 -17.59
C ASN A 119 8.22 19.38 -16.56
N PRO A 120 7.18 20.19 -16.29
CA PRO A 120 6.10 19.86 -15.34
C PRO A 120 5.39 18.56 -15.64
N ASP A 121 5.32 18.19 -16.92
CA ASP A 121 4.64 16.98 -17.35
C ASP A 121 5.18 15.69 -16.75
N ILE A 122 6.22 15.78 -15.92
CA ILE A 122 6.76 14.57 -15.32
C ILE A 122 5.91 14.22 -14.11
N PHE A 123 5.11 15.18 -13.65
CA PHE A 123 4.26 15.00 -12.49
C PHE A 123 2.84 14.70 -12.90
N TYR A 124 2.09 14.08 -11.98
CA TYR A 124 0.70 13.78 -12.25
C TYR A 124 -0.06 15.12 -12.31
N THR A 125 -0.88 15.29 -13.34
CA THR A 125 -1.61 16.54 -13.52
C THR A 125 -3.13 16.37 -13.63
N ASN A 126 -3.87 17.25 -12.95
CA ASN A 126 -5.33 17.24 -12.98
C ASN A 126 -5.72 18.12 -14.17
N ARG A 127 -7.01 18.27 -14.47
CA ARG A 127 -7.37 19.09 -15.64
C ARG A 127 -7.18 20.60 -15.52
N ALA A 128 -7.15 21.12 -14.31
CA ALA A 128 -6.92 22.55 -14.12
C ALA A 128 -5.46 22.81 -14.47
N GLY A 129 -4.63 21.78 -14.36
CA GLY A 129 -3.22 21.92 -14.67
C GLY A 129 -2.31 21.99 -13.45
N ASN A 130 -2.78 21.46 -12.33
CA ASN A 130 -1.97 21.47 -11.11
C ASN A 130 -0.99 20.30 -11.18
N ARG A 131 0.21 20.51 -10.63
CA ARG A 131 1.23 19.49 -10.66
C ARG A 131 1.53 18.99 -9.27
N ASN A 132 1.51 17.68 -9.10
CA ASN A 132 1.79 17.08 -7.81
C ASN A 132 3.24 16.65 -7.85
N GLN A 133 4.04 17.14 -6.89
CA GLN A 133 5.45 16.82 -6.87
C GLN A 133 5.88 15.74 -5.89
N GLU A 134 4.95 14.88 -5.48
CA GLU A 134 5.33 13.85 -4.53
C GLU A 134 5.73 12.52 -5.19
N TYR A 135 5.45 12.39 -6.49
CA TYR A 135 5.75 11.17 -7.22
C TYR A 135 5.80 11.42 -8.74
N LEU A 136 6.55 10.58 -9.45
CA LEU A 136 6.68 10.71 -10.90
C LEU A 136 5.54 10.02 -11.65
N SER A 137 4.85 10.78 -12.51
CA SER A 137 3.76 10.22 -13.31
C SER A 137 4.20 8.97 -14.07
N LEU A 138 3.34 7.96 -14.12
CA LEU A 138 3.63 6.73 -14.83
C LEU A 138 3.83 7.02 -16.33
N GLY A 139 3.34 8.16 -16.78
CA GLY A 139 3.48 8.51 -18.17
C GLY A 139 4.93 8.69 -18.57
N VAL A 140 5.83 8.58 -17.61
CA VAL A 140 7.24 8.74 -17.93
C VAL A 140 8.09 7.56 -17.48
N ASP A 141 7.46 6.41 -17.26
CA ASP A 141 8.17 5.20 -16.83
C ASP A 141 9.20 4.83 -17.89
N ASN A 142 8.76 4.89 -19.14
CA ASN A 142 9.60 4.52 -20.26
C ASN A 142 10.04 5.72 -21.09
N GLN A 143 10.42 6.79 -20.41
CA GLN A 143 10.88 8.00 -21.10
C GLN A 143 12.27 8.36 -20.58
N ARG A 144 13.19 8.60 -21.50
CA ARG A 144 14.54 8.97 -21.12
C ARG A 144 14.60 10.48 -20.90
N LEU A 145 14.38 10.90 -19.66
CA LEU A 145 14.41 12.31 -19.31
C LEU A 145 15.31 12.64 -18.14
N PHE A 146 15.77 11.62 -17.42
CA PHE A 146 16.59 11.88 -16.25
C PHE A 146 18.07 11.57 -16.39
N GLN A 147 18.77 12.49 -17.03
CA GLN A 147 20.20 12.39 -17.24
C GLN A 147 20.60 11.02 -17.79
N GLY A 148 19.86 10.58 -18.81
CA GLY A 148 20.16 9.30 -19.43
C GLY A 148 19.29 8.15 -18.99
N ARG A 149 18.93 8.12 -17.71
CA ARG A 149 18.09 7.05 -17.18
C ARG A 149 16.59 7.35 -17.34
N THR A 150 15.81 6.28 -17.37
CA THR A 150 14.36 6.33 -17.50
C THR A 150 13.82 6.13 -16.07
N ALA A 151 12.56 6.46 -15.84
CA ALA A 151 11.98 6.34 -14.51
C ALA A 151 12.18 4.93 -13.93
N LEU A 152 11.79 3.93 -14.72
CA LEU A 152 11.90 2.55 -14.29
C LEU A 152 13.34 2.15 -13.99
N GLU A 153 14.28 2.62 -14.81
CA GLU A 153 15.68 2.29 -14.61
C GLU A 153 16.18 2.92 -13.31
N MET A 154 15.64 4.09 -12.96
CA MET A 154 16.07 4.73 -11.73
C MET A 154 15.58 3.92 -10.54
N TYR A 155 14.39 3.33 -10.68
CA TYR A 155 13.81 2.51 -9.62
C TYR A 155 14.63 1.24 -9.39
N ARG A 156 15.00 0.55 -10.47
CA ARG A 156 15.78 -0.69 -10.32
C ARG A 156 17.18 -0.42 -9.76
N ASP A 157 17.85 0.59 -10.28
CA ASP A 157 19.20 0.96 -9.82
C ASP A 157 19.18 1.23 -8.31
N PHE A 158 18.07 1.78 -7.84
CA PHE A 158 17.93 2.10 -6.42
C PHE A 158 17.80 0.80 -5.64
N MET A 159 16.87 -0.03 -6.06
CA MET A 159 16.65 -1.30 -5.37
C MET A 159 17.88 -2.18 -5.49
N GLU A 160 18.61 -2.00 -6.58
CA GLU A 160 19.83 -2.77 -6.83
C GLU A 160 20.96 -2.27 -5.93
N SER A 161 21.01 -0.96 -5.72
CA SER A 161 22.03 -0.42 -4.84
C SER A 161 21.70 -0.88 -3.43
N PHE A 162 20.41 -0.94 -3.12
CA PHE A 162 19.93 -1.38 -1.82
C PHE A 162 20.19 -2.88 -1.61
N ARG A 163 20.06 -3.65 -2.67
CA ARG A 163 20.30 -5.08 -2.57
C ARG A 163 21.76 -5.38 -2.26
N ASP A 164 22.66 -4.69 -2.95
CA ASP A 164 24.09 -4.90 -2.75
C ASP A 164 24.64 -4.31 -1.46
N ASN A 165 24.11 -3.19 -1.04
CA ASN A 165 24.59 -2.56 0.18
C ASN A 165 24.00 -3.17 1.45
N MET A 166 22.91 -3.92 1.30
CA MET A 166 22.24 -4.54 2.43
C MET A 166 22.30 -6.06 2.34
N ALA A 167 23.17 -6.57 1.48
CA ALA A 167 23.32 -8.01 1.29
C ALA A 167 23.48 -8.82 2.56
N ASP A 168 24.25 -8.31 3.51
CA ASP A 168 24.47 -9.04 4.76
C ASP A 168 23.20 -9.17 5.59
N PHE A 169 22.45 -8.08 5.74
CA PHE A 169 21.20 -8.11 6.49
C PHE A 169 20.23 -9.05 5.78
N LEU A 170 20.28 -9.06 4.44
CA LEU A 170 19.42 -9.92 3.63
C LEU A 170 19.79 -11.39 3.76
N LYS A 171 21.09 -11.66 3.83
CA LYS A 171 21.57 -13.03 3.97
C LYS A 171 21.11 -13.58 5.32
N ALA A 172 21.39 -12.80 6.37
CA ALA A 172 21.04 -13.15 7.74
C ALA A 172 19.55 -13.38 7.91
N GLY A 173 18.75 -12.69 7.10
CA GLY A 173 17.32 -12.81 7.18
C GLY A 173 16.67 -11.75 8.06
N ASP A 174 17.38 -10.66 8.30
CA ASP A 174 16.85 -9.57 9.13
C ASP A 174 15.80 -8.76 8.36
N ILE A 175 16.02 -8.61 7.07
CA ILE A 175 15.10 -7.90 6.19
C ILE A 175 14.14 -8.96 5.68
N VAL A 176 12.87 -8.84 6.05
CA VAL A 176 11.85 -9.81 5.71
C VAL A 176 10.92 -9.41 4.57
N ASP A 177 10.67 -8.10 4.46
CA ASP A 177 9.80 -7.59 3.40
C ASP A 177 10.42 -6.44 2.63
N ILE A 178 10.13 -6.37 1.35
CA ILE A 178 10.58 -5.28 0.52
C ILE A 178 9.28 -4.72 -0.01
N GLU A 179 8.85 -3.61 0.56
CA GLU A 179 7.62 -2.99 0.13
C GLU A 179 7.98 -1.96 -0.95
N VAL A 180 7.60 -2.26 -2.18
CA VAL A 180 7.90 -1.42 -3.33
C VAL A 180 6.91 -0.29 -3.59
N GLY A 181 7.37 0.96 -3.43
CA GLY A 181 6.50 2.10 -3.67
C GLY A 181 6.11 2.27 -5.14
N CYS A 182 4.81 2.45 -5.40
CA CYS A 182 4.32 2.62 -6.77
C CYS A 182 3.57 3.94 -6.99
N GLY A 183 3.72 4.88 -6.04
CA GLY A 183 3.05 6.16 -6.15
C GLY A 183 3.05 6.92 -4.83
N ALA A 184 2.09 7.83 -4.69
CA ALA A 184 1.96 8.66 -3.50
C ALA A 184 1.75 7.80 -2.25
N ALA A 185 2.49 8.14 -1.19
CA ALA A 185 2.41 7.42 0.07
C ALA A 185 2.89 6.00 -0.17
N GLY A 186 3.52 5.77 -1.32
CA GLY A 186 4.00 4.44 -1.65
C GLY A 186 2.92 3.47 -2.09
N GLU A 187 1.79 3.97 -2.59
CA GLU A 187 0.69 3.11 -2.99
C GLU A 187 0.34 3.09 -4.48
N LEU A 188 0.07 1.90 -5.01
CA LEU A 188 -0.29 1.76 -6.42
C LEU A 188 -1.64 2.42 -6.65
N ARG A 189 -1.61 3.71 -6.95
CA ARG A 189 -2.83 4.50 -7.16
C ARG A 189 -2.43 5.82 -7.79
N TYR A 190 -3.44 6.60 -8.16
CA TYR A 190 -3.20 7.93 -8.71
C TYR A 190 -3.33 8.91 -7.53
N PRO A 191 -2.72 10.10 -7.63
CA PRO A 191 -2.85 11.05 -6.52
C PRO A 191 -4.16 11.81 -6.72
N SER A 192 -5.27 11.09 -6.52
CA SER A 192 -6.59 11.64 -6.75
C SER A 192 -7.26 12.44 -5.62
N TYR A 193 -6.73 12.35 -4.42
CA TYR A 193 -7.30 13.12 -3.31
C TYR A 193 -6.16 13.87 -2.58
N PRO A 194 -5.47 14.77 -3.30
CA PRO A 194 -4.36 15.56 -2.78
C PRO A 194 -4.79 16.63 -1.78
N GLU A 195 -4.35 16.49 -0.53
CA GLU A 195 -4.72 17.46 0.48
C GLU A 195 -4.06 18.81 0.16
N THR A 196 -2.97 18.77 -0.61
CA THR A 196 -2.26 19.99 -1.00
C THR A 196 -3.02 20.83 -2.01
N GLN A 197 -4.01 20.22 -2.69
CA GLN A 197 -4.78 20.96 -3.68
C GLN A 197 -6.20 21.27 -3.23
N GLY A 198 -6.45 21.15 -1.93
CA GLY A 198 -7.75 21.47 -1.38
C GLY A 198 -8.75 20.35 -1.15
N TRP A 199 -8.28 19.11 -1.16
CA TRP A 199 -9.18 17.98 -0.93
C TRP A 199 -9.48 17.75 0.54
N VAL A 200 -10.75 17.47 0.82
CA VAL A 200 -11.21 17.19 2.18
C VAL A 200 -12.24 16.06 2.11
N PHE A 201 -12.03 15.03 2.92
CA PHE A 201 -12.93 13.90 2.97
C PHE A 201 -14.36 14.47 3.03
N PRO A 202 -15.32 13.87 2.29
CA PRO A 202 -15.19 12.71 1.41
C PRO A 202 -15.32 13.06 -0.07
N GLY A 203 -14.60 14.08 -0.52
CA GLY A 203 -14.69 14.45 -1.91
C GLY A 203 -14.47 13.25 -2.81
N ILE A 204 -15.06 13.24 -4.01
CA ILE A 204 -14.91 12.12 -4.93
C ILE A 204 -13.50 12.01 -5.48
N GLY A 205 -12.81 13.14 -5.56
CA GLY A 205 -11.47 13.14 -6.10
C GLY A 205 -11.50 13.60 -7.55
N GLU A 206 -10.35 13.54 -8.23
CA GLU A 206 -10.27 13.96 -9.64
C GLU A 206 -9.38 13.01 -10.45
N PHE A 207 -9.67 12.85 -11.73
CA PHE A 207 -8.83 11.97 -12.54
C PHE A 207 -7.48 12.68 -12.66
N GLN A 208 -6.41 11.91 -12.69
CA GLN A 208 -5.07 12.47 -12.78
C GLN A 208 -4.33 12.06 -14.06
N CYS A 209 -4.95 12.23 -15.23
CA CYS A 209 -4.29 11.80 -16.46
C CYS A 209 -4.03 12.89 -17.48
N TYR A 210 -3.81 14.12 -17.03
CA TYR A 210 -3.61 15.20 -17.98
C TYR A 210 -2.18 15.64 -18.33
N ASP A 211 -1.17 14.92 -17.88
CA ASP A 211 0.18 15.29 -18.27
C ASP A 211 0.27 14.93 -19.77
N LYS A 212 1.16 15.59 -20.51
CA LYS A 212 1.27 15.37 -21.96
C LYS A 212 1.60 13.95 -22.38
N TYR A 213 2.49 13.27 -21.67
CA TYR A 213 2.87 11.91 -22.03
C TYR A 213 1.69 10.95 -21.97
N MET A 214 0.83 11.14 -20.98
CA MET A 214 -0.33 10.28 -20.86
C MET A 214 -1.37 10.59 -21.92
N VAL A 215 -1.58 11.88 -22.15
CA VAL A 215 -2.56 12.33 -23.14
C VAL A 215 -2.31 11.71 -24.51
N ALA A 216 -1.07 11.83 -24.99
CA ALA A 216 -0.70 11.27 -26.29
C ALA A 216 -1.16 9.82 -26.38
N ASP A 217 -0.84 9.05 -25.36
CA ASP A 217 -1.20 7.64 -25.28
C ASP A 217 -2.72 7.49 -25.44
N TRP A 218 -3.48 8.34 -24.76
CA TRP A 218 -4.93 8.29 -24.85
C TRP A 218 -5.44 8.59 -26.26
N LYS A 219 -4.72 9.45 -26.96
CA LYS A 219 -5.09 9.82 -28.32
C LYS A 219 -4.88 8.68 -29.30
N GLU A 220 -3.74 8.00 -29.15
CA GLU A 220 -3.41 6.88 -30.01
C GLU A 220 -4.42 5.76 -29.82
N ALA A 221 -4.78 5.52 -28.56
CA ALA A 221 -5.73 4.45 -28.22
C ALA A 221 -7.15 4.74 -28.70
N VAL A 222 -7.59 5.99 -28.57
CA VAL A 222 -8.94 6.35 -28.96
C VAL A 222 -9.16 6.30 -30.48
N LYS A 223 -8.07 6.40 -31.22
CA LYS A 223 -8.12 6.38 -32.67
C LYS A 223 -8.22 4.96 -33.21
N GLN A 224 -7.49 4.03 -32.61
CA GLN A 224 -7.51 2.64 -33.04
C GLN A 224 -8.84 1.96 -32.72
N ALA A 225 -9.69 2.68 -31.99
CA ALA A 225 -11.01 2.17 -31.62
C ALA A 225 -12.05 2.71 -32.61
N GLY A 226 -11.61 3.59 -33.50
CA GLY A 226 -12.49 4.17 -34.50
C GLY A 226 -13.31 5.35 -34.02
N ASN A 227 -12.90 5.96 -32.90
CA ASN A 227 -13.64 7.11 -32.36
C ASN A 227 -12.71 8.28 -32.08
N ALA A 228 -11.76 8.49 -32.99
CA ALA A 228 -10.76 9.55 -32.87
C ALA A 228 -11.25 10.85 -32.22
N ASP A 229 -12.57 11.06 -32.24
CA ASP A 229 -13.15 12.28 -31.66
C ASP A 229 -13.49 12.22 -30.16
N TRP A 230 -13.12 11.14 -29.49
CA TRP A 230 -13.39 11.01 -28.06
C TRP A 230 -12.37 11.79 -27.24
N GLU A 231 -12.82 12.32 -26.12
CA GLU A 231 -11.95 13.11 -25.26
C GLU A 231 -11.98 12.61 -23.82
N MET A 232 -11.04 13.10 -23.01
CA MET A 232 -10.99 12.72 -21.62
C MET A 232 -12.08 13.53 -20.93
N PRO A 233 -12.49 13.11 -19.72
CA PRO A 233 -13.53 13.83 -18.98
C PRO A 233 -13.24 15.34 -18.83
N GLY A 234 -14.28 16.13 -18.70
CA GLY A 234 -14.10 17.56 -18.55
C GLY A 234 -14.86 18.06 -17.33
N LYS A 235 -15.43 19.26 -17.42
CA LYS A 235 -16.19 19.80 -16.30
C LYS A 235 -17.27 18.83 -15.86
N GLY A 236 -17.62 17.91 -16.75
CA GLY A 236 -18.64 16.91 -16.42
C GLY A 236 -18.21 16.00 -15.27
N ALA A 237 -16.90 15.81 -15.11
CA ALA A 237 -16.37 14.99 -14.04
C ALA A 237 -16.32 15.73 -12.69
N GLY A 238 -16.47 17.05 -12.71
CA GLY A 238 -16.45 17.82 -11.48
C GLY A 238 -15.08 18.15 -10.91
N THR A 239 -15.03 18.37 -9.60
CA THR A 239 -13.79 18.69 -8.90
C THR A 239 -13.64 17.96 -7.56
N TYR A 240 -12.42 17.96 -7.04
CA TYR A 240 -12.08 17.28 -5.79
C TYR A 240 -13.17 17.09 -4.73
N ASN A 241 -13.82 18.17 -4.31
CA ASN A 241 -14.84 18.03 -3.28
C ASN A 241 -16.29 17.89 -3.70
N ASP A 242 -16.53 17.47 -4.94
CA ASP A 242 -17.91 17.30 -5.40
C ASP A 242 -18.49 15.99 -4.89
N THR A 243 -19.80 15.83 -5.10
CA THR A 243 -20.50 14.62 -4.68
C THR A 243 -20.77 13.87 -5.98
N PRO A 244 -20.94 12.55 -5.94
CA PRO A 244 -21.20 11.78 -7.17
C PRO A 244 -22.41 12.27 -7.96
N ASP A 245 -23.48 12.64 -7.25
CA ASP A 245 -24.70 13.09 -7.90
C ASP A 245 -24.69 14.49 -8.46
N LYS A 246 -23.81 15.36 -7.95
CA LYS A 246 -23.74 16.73 -8.46
C LYS A 246 -22.92 16.73 -9.74
N THR A 247 -22.47 15.54 -10.11
CA THR A 247 -21.66 15.33 -11.29
C THR A 247 -22.53 14.75 -12.41
N GLU A 248 -22.03 14.79 -13.64
CA GLU A 248 -22.76 14.22 -14.76
C GLU A 248 -22.01 12.97 -15.20
N PHE A 249 -20.76 12.83 -14.77
CA PHE A 249 -19.97 11.65 -15.11
C PHE A 249 -20.25 10.49 -14.15
N PHE A 250 -20.53 10.80 -12.89
CA PHE A 250 -20.78 9.78 -11.88
C PHE A 250 -22.22 9.64 -11.40
N ARG A 251 -23.16 10.34 -12.03
CA ARG A 251 -24.56 10.25 -11.64
C ARG A 251 -25.11 8.93 -12.18
N PRO A 252 -26.15 8.40 -11.55
CA PRO A 252 -26.74 7.14 -12.02
C PRO A 252 -27.05 7.26 -13.52
N ASN A 253 -26.58 6.31 -14.31
CA ASN A 253 -26.77 6.30 -15.75
C ASN A 253 -26.05 7.50 -16.34
N GLY A 254 -24.94 7.87 -15.69
CA GLY A 254 -24.13 8.98 -16.13
C GLY A 254 -23.19 8.55 -17.24
N THR A 255 -22.21 9.40 -17.54
CA THR A 255 -21.26 9.14 -18.61
C THR A 255 -20.37 7.90 -18.45
N TYR A 256 -20.16 7.45 -17.22
CA TYR A 256 -19.31 6.29 -16.97
C TYR A 256 -19.95 4.97 -17.41
N LYS A 257 -21.25 5.01 -17.68
CA LYS A 257 -22.04 3.84 -18.10
C LYS A 257 -22.01 3.69 -19.63
N THR A 258 -21.62 4.77 -20.29
CA THR A 258 -21.52 4.90 -21.74
C THR A 258 -20.39 4.07 -22.34
N ASP A 259 -20.43 3.82 -23.66
CA ASP A 259 -19.38 3.04 -24.33
C ASP A 259 -18.09 3.83 -24.22
N MET A 260 -18.21 5.16 -24.32
CA MET A 260 -17.08 6.05 -24.22
C MET A 260 -16.54 6.10 -22.79
N GLY A 261 -17.45 6.05 -21.82
CA GLY A 261 -17.04 6.08 -20.41
C GLY A 261 -16.33 4.79 -20.03
N LYS A 262 -16.86 3.68 -20.50
CA LYS A 262 -16.29 2.37 -20.22
C LYS A 262 -14.93 2.29 -20.90
N PHE A 263 -14.82 2.91 -22.07
CA PHE A 263 -13.56 2.87 -22.79
C PHE A 263 -12.49 3.70 -22.08
N PHE A 264 -12.90 4.80 -21.46
CA PHE A 264 -11.96 5.65 -20.73
C PHE A 264 -11.50 4.95 -19.44
N LEU A 265 -12.46 4.53 -18.63
CA LEU A 265 -12.16 3.87 -17.37
C LEU A 265 -11.33 2.61 -17.55
N THR A 266 -11.58 1.88 -18.62
CA THR A 266 -10.82 0.66 -18.93
C THR A 266 -9.37 1.06 -19.21
N TRP A 267 -9.21 2.12 -19.98
CA TRP A 267 -7.89 2.62 -20.35
C TRP A 267 -7.12 3.15 -19.13
N TYR A 268 -7.77 4.00 -18.36
CA TYR A 268 -7.20 4.63 -17.18
C TYR A 268 -6.79 3.62 -16.11
N SER A 269 -7.63 2.61 -15.90
CA SER A 269 -7.33 1.59 -14.90
C SER A 269 -6.24 0.65 -15.39
N ASN A 270 -6.25 0.30 -16.67
CA ASN A 270 -5.22 -0.58 -17.22
C ASN A 270 -3.86 0.07 -17.14
N LYS A 271 -3.83 1.36 -17.40
CA LYS A 271 -2.59 2.13 -17.35
C LYS A 271 -1.92 1.99 -15.98
N LEU A 272 -2.73 1.99 -14.91
CA LEU A 272 -2.19 1.87 -13.56
C LEU A 272 -1.71 0.45 -13.31
N ILE A 273 -2.44 -0.52 -13.84
CA ILE A 273 -2.09 -1.91 -13.67
C ILE A 273 -0.74 -2.16 -14.33
N ILE A 274 -0.59 -1.69 -15.56
CA ILE A 274 0.67 -1.86 -16.28
C ILE A 274 1.85 -1.18 -15.58
N HIS A 275 1.62 -0.02 -14.96
CA HIS A 275 2.68 0.68 -14.24
C HIS A 275 3.13 -0.23 -13.10
N GLY A 276 2.18 -0.87 -12.43
CA GLY A 276 2.52 -1.77 -11.35
C GLY A 276 3.29 -2.96 -11.88
N ASP A 277 2.77 -3.57 -12.94
CA ASP A 277 3.41 -4.71 -13.57
C ASP A 277 4.88 -4.46 -13.86
N GLN A 278 5.18 -3.33 -14.50
CA GLN A 278 6.56 -2.98 -14.84
C GLN A 278 7.47 -2.68 -13.64
N VAL A 279 6.96 -2.01 -12.61
CA VAL A 279 7.81 -1.72 -11.45
C VAL A 279 8.12 -3.01 -10.69
N LEU A 280 7.14 -3.90 -10.57
CA LEU A 280 7.34 -5.16 -9.86
C LEU A 280 8.26 -6.12 -10.60
N GLU A 281 8.41 -5.96 -11.92
CA GLU A 281 9.29 -6.84 -12.68
C GLU A 281 10.72 -6.50 -12.30
N GLU A 282 11.02 -5.21 -12.30
CA GLU A 282 12.35 -4.75 -11.92
C GLU A 282 12.61 -5.24 -10.50
N ALA A 283 11.62 -5.11 -9.63
CA ALA A 283 11.79 -5.57 -8.25
C ALA A 283 12.05 -7.09 -8.21
N ASN A 284 11.34 -7.85 -9.04
CA ASN A 284 11.53 -9.30 -9.12
C ASN A 284 12.96 -9.62 -9.54
N LYS A 285 13.38 -9.09 -10.69
CA LYS A 285 14.72 -9.34 -11.19
C LYS A 285 15.81 -9.00 -10.17
N VAL A 286 15.60 -7.93 -9.40
CA VAL A 286 16.60 -7.52 -8.41
C VAL A 286 16.65 -8.44 -7.18
N PHE A 287 15.50 -8.99 -6.78
CA PHE A 287 15.48 -9.85 -5.60
C PHE A 287 15.27 -11.34 -5.78
N VAL A 288 15.17 -11.81 -7.02
CA VAL A 288 14.98 -13.25 -7.26
C VAL A 288 16.04 -14.04 -6.50
N GLY A 289 15.69 -15.27 -6.13
CA GLY A 289 16.64 -16.12 -5.44
C GLY A 289 16.97 -15.74 -4.01
N LEU A 290 16.31 -14.72 -3.49
CA LEU A 290 16.54 -14.30 -2.12
C LEU A 290 15.31 -14.64 -1.29
N ARG A 291 15.51 -14.84 0.01
CA ARG A 291 14.41 -15.17 0.91
C ARG A 291 13.82 -13.87 1.47
N VAL A 292 12.91 -13.28 0.72
CA VAL A 292 12.30 -12.03 1.15
C VAL A 292 11.04 -11.81 0.33
N ASN A 293 10.01 -11.22 0.95
CA ASN A 293 8.76 -10.95 0.24
C ASN A 293 8.82 -9.59 -0.40
N ILE A 294 8.19 -9.46 -1.57
CA ILE A 294 8.09 -8.18 -2.24
C ILE A 294 6.58 -7.91 -2.21
N ALA A 295 6.20 -6.68 -1.91
CA ALA A 295 4.79 -6.35 -1.84
C ALA A 295 4.53 -4.97 -2.38
N ALA A 296 3.31 -4.77 -2.88
CA ALA A 296 2.91 -3.50 -3.40
C ALA A 296 1.78 -3.11 -2.46
N LYS A 297 1.58 -1.82 -2.25
CA LYS A 297 0.52 -1.36 -1.36
C LYS A 297 -0.65 -0.83 -2.19
N VAL A 298 -1.85 -1.25 -1.83
CA VAL A 298 -3.05 -0.78 -2.49
C VAL A 298 -3.83 -0.06 -1.41
N SER A 299 -4.16 1.20 -1.62
CA SER A 299 -4.92 1.97 -0.65
C SER A 299 -6.40 1.59 -0.57
N GLY A 300 -6.98 1.76 0.61
CA GLY A 300 -8.39 1.46 0.80
C GLY A 300 -9.22 2.71 0.60
N ILE A 301 -10.00 2.75 -0.49
CA ILE A 301 -10.84 3.91 -0.78
C ILE A 301 -12.30 3.49 -0.62
N HIS A 302 -12.76 3.59 0.62
CA HIS A 302 -14.10 3.20 1.01
C HIS A 302 -15.22 4.21 0.79
N TRP A 303 -14.91 5.49 0.72
CA TRP A 303 -15.98 6.45 0.52
C TRP A 303 -16.59 6.34 -0.89
N TRP A 304 -17.92 6.42 -0.95
CA TRP A 304 -18.69 6.32 -2.18
C TRP A 304 -18.75 4.89 -2.73
N TYR A 305 -18.34 3.92 -1.91
CA TYR A 305 -18.35 2.52 -2.31
C TYR A 305 -19.78 2.03 -2.46
N ASN A 306 -20.68 2.56 -1.63
CA ASN A 306 -22.08 2.15 -1.69
C ASN A 306 -22.90 3.02 -2.65
N HIS A 307 -22.23 3.63 -3.61
CA HIS A 307 -22.90 4.45 -4.63
C HIS A 307 -22.61 3.75 -5.96
N VAL A 308 -23.59 3.71 -6.86
CA VAL A 308 -23.39 3.00 -8.14
C VAL A 308 -22.17 3.38 -8.96
N SER A 309 -21.62 4.58 -8.74
CA SER A 309 -20.47 5.02 -9.51
C SER A 309 -19.11 4.63 -8.93
N HIS A 310 -19.08 4.29 -7.64
CA HIS A 310 -17.81 3.96 -6.95
C HIS A 310 -16.83 5.06 -7.35
N ALA A 311 -17.33 6.29 -7.37
CA ALA A 311 -16.55 7.45 -7.77
C ALA A 311 -15.11 7.56 -7.24
N ALA A 312 -14.95 7.61 -5.92
CA ALA A 312 -13.62 7.75 -5.33
C ALA A 312 -12.64 6.70 -5.84
N GLU A 313 -13.10 5.46 -5.96
CA GLU A 313 -12.25 4.38 -6.46
C GLU A 313 -11.90 4.59 -7.93
N LEU A 314 -12.84 5.13 -8.68
CA LEU A 314 -12.63 5.36 -10.10
C LEU A 314 -11.55 6.41 -10.37
N THR A 315 -11.59 7.52 -9.64
CA THR A 315 -10.60 8.55 -9.87
C THR A 315 -9.22 8.07 -9.45
N ALA A 316 -9.17 7.21 -8.44
CA ALA A 316 -7.89 6.67 -7.97
C ALA A 316 -7.33 5.62 -8.93
N GLY A 317 -8.15 5.15 -9.86
CA GLY A 317 -7.67 4.17 -10.82
C GLY A 317 -8.16 2.75 -10.67
N PHE A 318 -9.13 2.52 -9.80
CA PHE A 318 -9.64 1.18 -9.60
C PHE A 318 -11.01 1.12 -10.25
N TYR A 319 -11.09 0.40 -11.37
CA TYR A 319 -12.34 0.28 -12.13
C TYR A 319 -13.22 -0.80 -11.52
N ASN A 320 -13.75 -0.51 -10.32
CA ASN A 320 -14.57 -1.45 -9.60
C ASN A 320 -16.04 -1.00 -9.58
N VAL A 321 -16.87 -1.69 -10.35
CA VAL A 321 -18.29 -1.38 -10.44
C VAL A 321 -19.11 -2.67 -10.40
N ALA A 322 -20.43 -2.55 -10.49
CA ALA A 322 -21.30 -3.72 -10.45
C ALA A 322 -20.97 -4.65 -11.61
N GLY A 323 -20.68 -5.91 -11.30
CA GLY A 323 -20.38 -6.87 -12.33
C GLY A 323 -18.97 -6.74 -12.91
N ARG A 324 -18.10 -6.03 -12.19
CA ARG A 324 -16.73 -5.84 -12.63
C ARG A 324 -15.80 -5.65 -11.44
N ASP A 325 -14.99 -6.67 -11.17
CA ASP A 325 -14.04 -6.65 -10.07
C ASP A 325 -12.78 -5.94 -10.55
N GLY A 326 -12.52 -4.75 -10.01
CA GLY A 326 -11.36 -3.98 -10.42
C GLY A 326 -10.14 -4.27 -9.59
N TYR A 327 -10.25 -5.19 -8.65
CA TYR A 327 -9.12 -5.54 -7.80
C TYR A 327 -8.49 -6.87 -8.19
N ARG A 328 -9.34 -7.82 -8.54
CA ARG A 328 -8.88 -9.17 -8.90
C ARG A 328 -7.79 -9.16 -9.98
N PRO A 329 -7.96 -8.36 -11.05
CA PRO A 329 -6.92 -8.35 -12.08
C PRO A 329 -5.59 -7.84 -11.53
N ILE A 330 -5.64 -6.94 -10.55
CA ILE A 330 -4.40 -6.43 -9.94
C ILE A 330 -3.73 -7.59 -9.23
N ALA A 331 -4.53 -8.34 -8.49
CA ALA A 331 -4.05 -9.50 -7.76
C ALA A 331 -3.48 -10.58 -8.70
N ARG A 332 -4.07 -10.74 -9.89
CA ARG A 332 -3.55 -11.75 -10.82
C ARG A 332 -2.22 -11.25 -11.35
N MET A 333 -2.11 -9.92 -11.46
CA MET A 333 -0.88 -9.31 -11.94
C MET A 333 0.15 -9.56 -10.85
N LEU A 334 -0.19 -9.23 -9.61
CA LEU A 334 0.75 -9.44 -8.50
C LEU A 334 1.12 -10.93 -8.37
N ALA A 335 0.18 -11.80 -8.74
CA ALA A 335 0.42 -13.24 -8.68
C ALA A 335 1.57 -13.58 -9.63
N ARG A 336 1.57 -12.94 -10.79
CA ARG A 336 2.60 -13.18 -11.79
C ARG A 336 4.02 -13.04 -11.22
N HIS A 337 4.22 -12.06 -10.35
CA HIS A 337 5.54 -11.81 -9.75
C HIS A 337 5.68 -12.43 -8.38
N HIS A 338 4.76 -13.33 -8.02
CA HIS A 338 4.83 -13.98 -6.71
C HIS A 338 4.94 -12.91 -5.64
N ALA A 339 4.15 -11.85 -5.79
CA ALA A 339 4.18 -10.72 -4.88
C ALA A 339 3.02 -10.74 -3.88
N THR A 340 3.20 -10.04 -2.76
CA THR A 340 2.17 -9.96 -1.74
C THR A 340 1.41 -8.65 -1.89
N LEU A 341 0.13 -8.66 -1.56
CA LEU A 341 -0.71 -7.46 -1.63
C LEU A 341 -0.84 -6.87 -0.24
N ASN A 342 -0.43 -5.62 -0.05
CA ASN A 342 -0.55 -4.97 1.26
C ASN A 342 -1.70 -3.98 1.20
N PHE A 343 -2.82 -4.26 1.87
CA PHE A 343 -3.97 -3.36 1.85
C PHE A 343 -3.84 -2.43 3.06
N THR A 344 -3.72 -1.13 2.81
CA THR A 344 -3.52 -0.11 3.85
C THR A 344 -4.73 0.47 4.61
N CYS A 345 -5.72 -0.36 4.90
CA CYS A 345 -6.89 0.12 5.62
C CYS A 345 -7.73 -1.05 6.08
N LEU A 346 -7.76 -1.30 7.38
CA LEU A 346 -8.55 -2.41 7.87
C LEU A 346 -8.86 -2.49 9.37
N GLU A 347 -9.02 -1.32 10.00
CA GLU A 347 -9.36 -1.27 11.41
C GLU A 347 -10.73 -0.60 11.49
N MET A 348 -11.05 0.15 10.45
CA MET A 348 -12.31 0.88 10.36
C MET A 348 -13.57 0.03 10.31
N ARG A 349 -14.66 0.60 10.81
CA ARG A 349 -15.96 -0.04 10.80
C ARG A 349 -16.93 0.89 10.06
N ASP A 350 -17.87 0.30 9.33
CA ASP A 350 -18.83 1.08 8.58
C ASP A 350 -19.50 2.17 9.42
N SER A 351 -19.78 1.88 10.68
CA SER A 351 -20.47 2.85 11.53
C SER A 351 -19.63 4.06 11.98
N GLU A 352 -18.32 4.00 11.81
CA GLU A 352 -17.47 5.12 12.23
C GLU A 352 -17.35 6.13 11.12
N GLN A 353 -18.13 5.93 10.06
CA GLN A 353 -18.07 6.82 8.93
C GLN A 353 -19.38 7.55 8.76
N PRO A 354 -19.32 8.84 8.42
CA PRO A 354 -20.54 9.64 8.23
C PRO A 354 -21.43 8.99 7.19
N ALA A 355 -22.74 8.96 7.45
CA ALA A 355 -23.69 8.36 6.52
C ALA A 355 -23.62 9.05 5.16
N GLU A 356 -23.34 10.34 5.19
CA GLU A 356 -23.27 11.15 3.97
C GLU A 356 -22.15 10.70 3.04
N ALA A 357 -21.22 9.92 3.57
CA ALA A 357 -20.08 9.47 2.79
C ALA A 357 -20.30 8.23 1.92
N LYS A 358 -21.34 7.44 2.20
CA LYS A 358 -21.60 6.23 1.42
C LYS A 358 -20.41 5.28 1.54
N SER A 359 -19.72 5.41 2.66
CA SER A 359 -18.54 4.62 2.98
C SER A 359 -18.84 3.19 3.45
N ALA A 360 -18.06 2.24 2.95
CA ALA A 360 -18.24 0.83 3.31
C ALA A 360 -16.89 0.11 3.43
N PRO A 361 -16.03 0.58 4.35
CA PRO A 361 -14.70 -0.02 4.55
C PRO A 361 -14.70 -1.55 4.77
N GLN A 362 -15.63 -2.06 5.56
CA GLN A 362 -15.69 -3.49 5.82
C GLN A 362 -15.96 -4.32 4.55
N GLU A 363 -16.96 -3.92 3.77
CA GLU A 363 -17.29 -4.64 2.54
C GLU A 363 -16.15 -4.53 1.54
N LEU A 364 -15.36 -3.46 1.63
CA LEU A 364 -14.24 -3.27 0.72
C LEU A 364 -13.20 -4.33 1.07
N VAL A 365 -12.79 -4.32 2.33
CA VAL A 365 -11.81 -5.27 2.84
C VAL A 365 -12.13 -6.71 2.43
N GLN A 366 -13.39 -7.10 2.52
CA GLN A 366 -13.79 -8.46 2.15
C GLN A 366 -13.51 -8.76 0.69
N GLN A 367 -13.94 -7.86 -0.19
CA GLN A 367 -13.73 -8.04 -1.60
C GLN A 367 -12.24 -8.10 -1.97
N VAL A 368 -11.46 -7.14 -1.47
CA VAL A 368 -10.05 -7.10 -1.79
C VAL A 368 -9.31 -8.33 -1.27
N LEU A 369 -9.50 -8.70 -0.02
CA LEU A 369 -8.81 -9.86 0.49
C LEU A 369 -9.29 -11.13 -0.22
N SER A 370 -10.58 -11.22 -0.51
CA SER A 370 -11.12 -12.40 -1.19
C SER A 370 -10.54 -12.61 -2.59
N SER A 371 -10.45 -11.54 -3.38
CA SER A 371 -9.90 -11.63 -4.73
C SER A 371 -8.41 -11.88 -4.71
N GLY A 372 -7.77 -11.54 -3.60
CA GLY A 372 -6.36 -11.77 -3.48
C GLY A 372 -6.10 -13.25 -3.29
N TRP A 373 -6.77 -13.84 -2.29
CA TRP A 373 -6.62 -15.26 -2.00
C TRP A 373 -7.14 -16.11 -3.16
N LYS A 374 -8.06 -15.57 -3.95
CA LYS A 374 -8.59 -16.36 -5.08
C LYS A 374 -7.60 -16.46 -6.25
N GLU A 375 -6.64 -15.55 -6.28
CA GLU A 375 -5.60 -15.54 -7.32
C GLU A 375 -4.32 -16.16 -6.75
N TYR A 376 -4.45 -16.79 -5.59
CA TYR A 376 -3.34 -17.47 -4.91
C TYR A 376 -2.14 -16.62 -4.52
N ILE A 377 -2.38 -15.51 -3.83
CA ILE A 377 -1.29 -14.66 -3.37
C ILE A 377 -1.48 -14.35 -1.90
N ASP A 378 -0.43 -13.94 -1.22
CA ASP A 378 -0.56 -13.60 0.19
C ASP A 378 -1.02 -12.15 0.32
N VAL A 379 -1.92 -11.90 1.26
CA VAL A 379 -2.42 -10.56 1.50
C VAL A 379 -1.97 -10.12 2.90
N ALA A 380 -1.46 -8.89 3.01
CA ALA A 380 -1.03 -8.34 4.30
C ALA A 380 -1.72 -6.99 4.45
N GLY A 381 -1.53 -6.32 5.58
CA GLY A 381 -2.20 -5.03 5.74
C GLY A 381 -1.75 -4.17 6.91
N GLU A 382 -2.44 -3.05 7.10
CA GLU A 382 -2.16 -2.12 8.18
C GLU A 382 -3.38 -1.22 8.45
N ASN A 383 -3.33 -0.44 9.52
CA ASN A 383 -4.43 0.46 9.85
C ASN A 383 -4.20 1.78 9.15
N ALA A 384 -5.27 2.55 8.94
CA ALA A 384 -5.17 3.82 8.22
C ALA A 384 -4.94 5.04 9.11
N LEU A 385 -5.66 5.09 10.22
CA LEU A 385 -5.51 6.20 11.14
C LEU A 385 -5.01 5.63 12.46
N PRO A 386 -4.29 6.43 13.26
CA PRO A 386 -3.78 5.94 14.55
C PRO A 386 -4.90 5.70 15.56
N ARG A 387 -4.83 4.58 16.28
CA ARG A 387 -5.86 4.22 17.25
C ARG A 387 -5.30 3.41 18.41
N TYR A 388 -5.89 3.57 19.59
CA TYR A 388 -5.42 2.83 20.76
C TYR A 388 -6.56 2.19 21.55
N ASP A 389 -7.74 2.11 20.94
CA ASP A 389 -8.90 1.53 21.59
C ASP A 389 -9.13 0.06 21.25
N ALA A 390 -9.86 -0.64 22.10
CA ALA A 390 -10.14 -2.06 21.91
C ALA A 390 -11.04 -2.32 20.69
N THR A 391 -11.82 -1.32 20.30
CA THR A 391 -12.72 -1.45 19.16
C THR A 391 -11.89 -1.67 17.89
N ALA A 392 -10.85 -0.85 17.75
CA ALA A 392 -9.97 -0.93 16.60
C ALA A 392 -9.13 -2.19 16.60
N TYR A 393 -8.60 -2.57 17.76
CA TYR A 393 -7.81 -3.79 17.84
C TYR A 393 -8.61 -5.04 17.47
N ASN A 394 -9.90 -5.04 17.80
CA ASN A 394 -10.76 -6.19 17.50
C ASN A 394 -11.12 -6.29 16.01
N GLN A 395 -11.29 -5.15 15.35
CA GLN A 395 -11.62 -5.16 13.93
C GLN A 395 -10.44 -5.73 13.14
N MET A 396 -9.24 -5.24 13.43
CA MET A 396 -8.04 -5.72 12.75
C MET A 396 -7.91 -7.22 13.01
N LEU A 397 -8.22 -7.65 14.22
CA LEU A 397 -8.14 -9.06 14.59
C LEU A 397 -9.12 -9.92 13.81
N LEU A 398 -10.27 -9.35 13.47
CA LEU A 398 -11.26 -10.08 12.71
C LEU A 398 -10.72 -10.35 11.32
N LYS A 399 -10.28 -9.29 10.65
CA LYS A 399 -9.76 -9.37 9.29
C LYS A 399 -8.52 -10.22 9.05
N LEU A 400 -7.69 -10.39 10.07
CA LEU A 400 -6.48 -11.23 9.94
C LEU A 400 -6.89 -12.69 9.84
N ARG A 401 -8.06 -13.01 10.38
CA ARG A 401 -8.60 -14.37 10.35
C ARG A 401 -10.12 -14.28 10.27
N PRO A 402 -10.65 -14.01 9.07
CA PRO A 402 -12.08 -13.87 8.78
C PRO A 402 -12.94 -15.02 9.31
N ASN A 403 -12.33 -16.17 9.52
CA ASN A 403 -13.05 -17.31 10.04
C ASN A 403 -12.41 -17.79 11.33
N GLY A 404 -11.88 -16.86 12.12
CA GLY A 404 -11.25 -17.23 13.38
C GLY A 404 -10.11 -18.21 13.28
N VAL A 405 -9.75 -18.81 14.41
CA VAL A 405 -8.66 -19.76 14.48
C VAL A 405 -9.07 -21.18 14.10
N ASN A 406 -8.09 -21.97 13.67
CA ASN A 406 -8.34 -23.35 13.29
C ASN A 406 -7.53 -24.26 14.20
N LEU A 407 -8.22 -24.98 15.09
CA LEU A 407 -7.57 -25.90 16.02
C LEU A 407 -7.02 -27.16 15.34
N ASN A 408 -7.36 -27.36 14.07
CA ASN A 408 -6.91 -28.54 13.32
C ASN A 408 -5.72 -28.25 12.42
N GLY A 409 -5.32 -26.99 12.37
CA GLY A 409 -4.19 -26.64 11.51
C GLY A 409 -4.28 -25.21 11.03
N PRO A 410 -3.58 -24.86 9.95
CA PRO A 410 -3.61 -23.49 9.41
C PRO A 410 -5.05 -23.09 9.06
N PRO A 411 -5.48 -21.88 9.44
CA PRO A 411 -6.85 -21.50 9.11
C PRO A 411 -7.14 -21.52 7.60
N LYS A 412 -8.42 -21.41 7.25
CA LYS A 412 -8.84 -21.44 5.85
C LYS A 412 -8.45 -20.12 5.19
N LEU A 413 -8.66 -19.04 5.92
CA LEU A 413 -8.33 -17.71 5.46
C LEU A 413 -7.45 -17.05 6.53
N LYS A 414 -6.36 -16.44 6.10
CA LYS A 414 -5.47 -15.80 7.07
C LYS A 414 -4.57 -14.78 6.39
N MET A 415 -4.40 -13.61 7.00
CA MET A 415 -3.53 -12.60 6.46
C MET A 415 -2.10 -12.97 6.84
N SER A 416 -1.14 -12.65 5.98
CA SER A 416 0.24 -13.01 6.25
C SER A 416 0.94 -12.05 7.21
N GLY A 417 0.30 -10.93 7.53
CA GLY A 417 0.92 -9.99 8.43
C GLY A 417 0.21 -8.66 8.54
N LEU A 418 0.53 -7.92 9.59
CA LEU A 418 -0.09 -6.63 9.83
C LEU A 418 0.92 -5.67 10.45
N THR A 419 1.02 -4.48 9.88
CA THR A 419 1.95 -3.49 10.40
C THR A 419 1.15 -2.37 11.07
N TYR A 420 1.47 -2.12 12.33
CA TYR A 420 0.78 -1.11 13.13
C TYR A 420 1.20 0.33 12.85
N LEU A 421 0.20 1.15 12.60
CA LEU A 421 0.32 2.58 12.29
C LEU A 421 1.68 3.22 12.50
N ARG A 422 2.01 3.50 13.76
CA ARG A 422 3.29 4.15 14.05
C ARG A 422 3.63 4.26 15.53
N LEU A 423 4.87 3.96 15.85
CA LEU A 423 5.38 4.04 17.22
C LEU A 423 5.36 5.49 17.66
N SER A 424 4.86 5.76 18.85
CA SER A 424 4.82 7.12 19.36
C SER A 424 4.73 7.18 20.88
N ASP A 425 4.89 8.38 21.42
CA ASP A 425 4.82 8.60 22.85
C ASP A 425 3.43 8.29 23.39
N ASP A 426 2.41 8.73 22.67
CA ASP A 426 1.04 8.49 23.08
C ASP A 426 0.71 7.00 23.11
N LEU A 427 1.54 6.20 22.45
CA LEU A 427 1.33 4.75 22.42
C LEU A 427 2.14 4.10 23.51
N LEU A 428 3.39 4.50 23.62
CA LEU A 428 4.31 3.96 24.61
C LEU A 428 3.92 4.37 26.05
N GLN A 429 2.83 5.12 26.16
CA GLN A 429 2.35 5.58 27.47
C GLN A 429 1.78 4.39 28.22
N THR A 430 2.35 4.11 29.39
CA THR A 430 1.96 3.00 30.25
C THR A 430 0.55 2.44 30.00
N ASP A 431 -0.45 3.31 29.98
CA ASP A 431 -1.83 2.90 29.75
C ASP A 431 -1.93 2.14 28.43
N ASN A 432 -1.96 2.91 27.34
CA ASN A 432 -2.04 2.38 25.99
C ASN A 432 -1.14 1.18 25.69
N PHE A 433 0.15 1.33 26.03
CA PHE A 433 1.10 0.27 25.76
C PHE A 433 0.64 -1.03 26.40
N GLU A 434 -0.28 -0.94 27.35
CA GLU A 434 -0.80 -2.14 27.99
C GLU A 434 -1.80 -2.83 27.07
N LEU A 435 -2.82 -2.09 26.65
CA LEU A 435 -3.83 -2.64 25.75
C LEU A 435 -3.10 -3.21 24.53
N PHE A 436 -2.07 -2.48 24.10
CA PHE A 436 -1.28 -2.87 22.96
C PHE A 436 -0.69 -4.26 23.12
N LYS A 437 0.05 -4.49 24.20
CA LYS A 437 0.66 -5.80 24.41
C LYS A 437 -0.38 -6.92 24.38
N LYS A 438 -1.63 -6.58 24.69
CA LYS A 438 -2.71 -7.57 24.68
C LYS A 438 -3.04 -7.91 23.22
N PHE A 439 -3.14 -6.86 22.41
CA PHE A 439 -3.42 -6.97 20.99
C PHE A 439 -2.35 -7.78 20.26
N VAL A 440 -1.09 -7.58 20.64
CA VAL A 440 0.01 -8.31 20.02
C VAL A 440 -0.12 -9.79 20.34
N LYS A 441 -0.54 -10.08 21.57
CA LYS A 441 -0.73 -11.45 22.02
C LYS A 441 -1.86 -12.13 21.23
N LYS A 442 -2.99 -11.43 21.09
CA LYS A 442 -4.09 -11.99 20.33
C LYS A 442 -3.72 -12.16 18.86
N MET A 443 -2.80 -11.32 18.37
CA MET A 443 -2.33 -11.38 16.99
C MET A 443 -1.57 -12.67 16.79
N HIS A 444 -0.86 -13.07 17.84
CA HIS A 444 -0.08 -14.30 17.81
C HIS A 444 -0.95 -15.46 18.29
N ALA A 445 -2.25 -15.21 18.45
CA ALA A 445 -3.20 -16.22 18.91
C ALA A 445 -2.76 -16.80 20.26
N ASP A 446 -2.53 -15.89 21.20
CA ASP A 446 -2.11 -16.22 22.55
C ASP A 446 -0.88 -17.08 22.66
N LEU A 447 -0.04 -17.04 21.64
CA LEU A 447 1.21 -17.77 21.65
C LEU A 447 2.30 -16.75 21.99
N ASP A 448 3.50 -17.24 22.26
CA ASP A 448 4.63 -16.38 22.57
C ASP A 448 5.32 -16.05 21.27
N PRO A 449 5.94 -14.86 21.17
CA PRO A 449 6.63 -14.48 19.93
C PRO A 449 7.56 -15.57 19.41
N SER A 450 7.70 -15.65 18.10
CA SER A 450 8.57 -16.68 17.52
C SER A 450 9.52 -16.08 16.49
N PRO A 451 10.71 -15.70 16.96
CA PRO A 451 11.69 -15.08 16.08
C PRO A 451 12.10 -15.92 14.88
N ASN A 452 11.50 -17.10 14.75
CA ASN A 452 11.84 -17.94 13.61
C ASN A 452 11.06 -17.53 12.36
N ALA A 453 10.42 -16.36 12.40
CA ALA A 453 9.62 -15.92 11.25
C ALA A 453 8.69 -17.06 10.87
N ILE A 454 7.87 -17.53 11.82
CA ILE A 454 6.95 -18.61 11.53
C ILE A 454 5.87 -18.11 10.58
N SER A 455 5.37 -19.01 9.73
CA SER A 455 4.34 -18.62 8.78
C SER A 455 5.00 -17.87 7.64
N PRO A 456 4.96 -16.53 7.70
CA PRO A 456 5.57 -15.70 6.69
C PRO A 456 7.07 -15.99 6.54
N ALA A 457 7.59 -16.97 7.29
CA ALA A 457 9.01 -17.33 7.22
C ALA A 457 9.49 -17.21 5.79
N VAL A 458 10.01 -16.03 5.44
CA VAL A 458 10.50 -15.74 4.11
C VAL A 458 10.92 -16.90 3.21
N LEU A 459 10.14 -17.15 2.16
CA LEU A 459 10.45 -18.22 1.21
C LEU A 459 11.24 -17.63 0.04
N GLU A 460 11.95 -18.48 -0.68
CA GLU A 460 12.77 -18.03 -1.81
C GLU A 460 11.91 -17.44 -2.91
N ARG A 461 12.33 -16.25 -3.34
CA ARG A 461 11.66 -15.48 -4.37
C ARG A 461 11.81 -16.12 -5.77
N SER A 462 10.68 -16.46 -6.38
CA SER A 462 10.70 -17.08 -7.70
C SER A 462 10.63 -16.11 -8.87
N ASN A 463 11.31 -16.47 -9.95
CA ASN A 463 11.34 -15.68 -11.18
C ASN A 463 9.90 -15.50 -11.65
N SER A 464 9.57 -14.33 -12.18
CA SER A 464 8.24 -14.03 -12.65
C SER A 464 7.80 -14.89 -13.83
N ALA A 465 6.48 -15.00 -14.01
CA ALA A 465 5.91 -15.75 -15.12
C ALA A 465 5.87 -14.78 -16.31
N ILE A 466 4.80 -14.75 -17.08
CA ILE A 466 4.72 -13.82 -18.21
C ILE A 466 3.29 -13.33 -18.43
N THR A 467 3.10 -12.01 -18.50
CA THR A 467 1.77 -11.45 -18.68
C THR A 467 1.18 -11.58 -20.07
N ILE A 468 -0.03 -11.04 -20.20
CA ILE A 468 -0.82 -11.00 -21.42
C ILE A 468 -1.96 -10.09 -21.02
N ASP A 469 -2.55 -9.38 -21.96
CA ASP A 469 -3.65 -8.50 -21.62
C ASP A 469 -4.89 -9.36 -21.38
N GLU A 470 -4.64 -10.52 -20.77
CA GLU A 470 -5.69 -11.47 -20.44
C GLU A 470 -6.16 -11.27 -19.01
N LEU A 471 -5.97 -10.05 -18.51
CA LEU A 471 -6.38 -9.69 -17.16
C LEU A 471 -7.88 -9.52 -17.20
N MET A 472 -8.37 -9.08 -18.35
CA MET A 472 -9.78 -8.85 -18.55
C MET A 472 -10.67 -10.01 -18.10
N GLU A 473 -10.14 -11.23 -18.07
CA GLU A 473 -10.96 -12.35 -17.62
C GLU A 473 -11.20 -12.17 -16.13
N ALA A 474 -10.19 -11.65 -15.45
CA ALA A 474 -10.23 -11.42 -14.01
C ALA A 474 -11.30 -10.48 -13.48
N THR A 475 -11.93 -9.68 -14.35
CA THR A 475 -12.94 -8.74 -13.89
C THR A 475 -14.33 -9.34 -13.70
N LYS A 476 -14.44 -10.66 -13.87
CA LYS A 476 -15.73 -11.33 -13.70
C LYS A 476 -16.13 -11.25 -12.25
N GLY A 477 -17.35 -10.78 -12.00
CA GLY A 477 -17.84 -10.68 -10.63
C GLY A 477 -17.83 -12.03 -9.93
N SER A 478 -17.69 -12.02 -8.61
CA SER A 478 -17.65 -13.25 -7.85
C SER A 478 -18.13 -13.04 -6.41
N ARG A 479 -18.59 -14.10 -5.76
CA ARG A 479 -19.03 -14.00 -4.37
C ARG A 479 -17.82 -14.01 -3.47
N PRO A 480 -17.68 -13.01 -2.59
CA PRO A 480 -16.52 -13.01 -1.70
C PRO A 480 -16.72 -14.09 -0.65
N PHE A 481 -15.64 -14.57 -0.05
CA PHE A 481 -15.77 -15.59 0.97
C PHE A 481 -16.54 -14.98 2.12
N PRO A 482 -17.29 -15.80 2.86
CA PRO A 482 -18.09 -15.35 3.99
C PRO A 482 -17.21 -14.99 5.19
N TRP A 483 -17.50 -13.84 5.82
CA TRP A 483 -16.75 -13.33 6.98
C TRP A 483 -17.41 -13.63 8.34
N TYR A 484 -16.60 -13.92 9.36
CA TYR A 484 -17.20 -14.12 10.68
C TYR A 484 -17.72 -12.75 11.08
N ASP A 485 -18.64 -12.74 12.04
CA ASP A 485 -19.29 -11.54 12.55
C ASP A 485 -18.40 -10.75 13.54
N VAL A 486 -17.77 -11.48 14.46
CA VAL A 486 -16.90 -10.88 15.47
C VAL A 486 -15.62 -11.67 15.56
N THR A 487 -14.64 -11.12 16.27
CA THR A 487 -13.37 -11.77 16.41
C THR A 487 -13.43 -13.01 17.25
N ASP A 488 -12.46 -13.87 17.00
CA ASP A 488 -12.32 -15.12 17.68
C ASP A 488 -11.62 -14.86 19.02
N MET A 489 -10.58 -14.06 18.97
CA MET A 489 -9.75 -13.73 20.12
C MET A 489 -9.74 -12.23 20.47
N PRO A 490 -10.83 -11.72 21.04
CA PRO A 490 -10.89 -10.30 21.39
C PRO A 490 -9.89 -9.94 22.49
N VAL A 491 -9.43 -8.68 22.49
CA VAL A 491 -8.46 -8.21 23.47
C VAL A 491 -8.97 -8.19 24.90
N ASP A 492 -10.22 -7.77 25.08
CA ASP A 492 -10.83 -7.69 26.41
C ASP A 492 -12.13 -8.50 26.47
N GLY A 493 -12.06 -9.74 26.00
CA GLY A 493 -13.26 -10.56 26.03
C GLY A 493 -12.92 -12.03 26.06
N SER A 494 -13.95 -12.85 26.10
CA SER A 494 -13.74 -14.29 26.13
C SER A 494 -14.24 -14.91 24.84
N ASN A 495 -14.04 -16.21 24.73
CA ASN A 495 -14.44 -17.00 23.58
C ASN A 495 -15.90 -16.83 23.19
N PRO A 496 -16.20 -15.97 22.22
CA PRO A 496 -17.61 -15.83 21.87
C PRO A 496 -18.17 -17.13 21.32
N PHE A 497 -17.26 -18.08 21.04
CA PHE A 497 -17.69 -19.34 20.49
C PHE A 497 -17.81 -19.17 19.00
N ASP A 498 -16.98 -18.31 18.42
CA ASP A 498 -17.04 -18.08 16.99
C ASP A 498 -17.10 -16.60 16.69
#